data_8ZXG
#
_entry.id   8ZXG
#
_cell.length_a   77.823
_cell.length_b   77.823
_cell.length_c   135.266
_cell.angle_alpha   90.000
_cell.angle_beta   90.000
_cell.angle_gamma   90.000
#
_symmetry.space_group_name_H-M   'P 41 21 2'
#
loop_
_entity.id
_entity.type
_entity.pdbx_description
1 polymer 'Paraoxonase from Bacillus sp. strain S3wahi'
2 non-polymer GLYCEROL
3 non-polymer 'MAGNESIUM ION'
4 non-polymer 'ZINC ION'
5 water water
#
_entity_poly.entity_id   1
_entity_poly.type   'polypeptide(L)'
_entity_poly.pdbx_seq_one_letter_code
;MTVIHRMEIPVPFAVETVNVFLVEGETLTLIDTGTNTKESRLALEKQLAALGYKVEDIETVVLTHHHADHCGLLDIFSER
TNIVGHPWNEPWITQNPQFIKRYQQFFLEASVQFGVPEVLLPQGALLTKTMIYSCKRSLTHTVREGDRIASLPEFTVIET
PGHASTHISLYRERDGVLIGGDALIGHISSNPILEPPYEGEIERAQPMLQYNETLKRLARMNISRVLSGHGEDVLDVVGL
VNERLQKQEARAFKVLNLLKAQPMTAFEVCVKLFPTLYEKQLPLTISENVGQLDFLAYNQQVMIDKSSKQWIYYAK
;
_entity_poly.pdbx_strand_id   A
#
# COMPACT_ATOMS: atom_id res chain seq x y z
N MET A 1 -8.76 29.46 -1.80
CA MET A 1 -7.36 28.98 -1.73
C MET A 1 -7.24 27.71 -2.57
N THR A 2 -7.21 26.50 -1.97
CA THR A 2 -6.80 25.35 -2.77
C THR A 2 -7.98 24.82 -3.57
N VAL A 3 -7.65 24.32 -4.75
CA VAL A 3 -8.53 23.51 -5.56
C VAL A 3 -7.89 22.12 -5.69
N ILE A 4 -8.64 21.07 -5.38
CA ILE A 4 -8.13 19.70 -5.47
C ILE A 4 -8.87 18.98 -6.58
N HIS A 5 -8.11 18.29 -7.41
CA HIS A 5 -8.65 17.54 -8.53
C HIS A 5 -8.23 16.08 -8.40
N ARG A 6 -9.17 15.18 -8.66
CA ARG A 6 -8.90 13.77 -8.75
C ARG A 6 -8.59 13.41 -10.20
N MET A 7 -7.46 12.72 -10.43
CA MET A 7 -7.19 12.22 -11.75
C MET A 7 -7.12 10.69 -11.62
N GLU A 8 -7.84 9.98 -12.48
CA GLU A 8 -7.85 8.53 -12.46
C GLU A 8 -6.83 8.04 -13.49
N ILE A 9 -5.80 7.36 -13.01
CA ILE A 9 -4.70 6.92 -13.85
C ILE A 9 -4.75 5.41 -14.02
N PRO A 10 -4.82 4.91 -15.27
CA PRO A 10 -4.85 3.46 -15.50
C PRO A 10 -3.57 2.78 -14.98
N VAL A 11 -3.78 1.62 -14.33
CA VAL A 11 -2.68 0.77 -13.86
C VAL A 11 -2.94 -0.64 -14.34
N PRO A 12 -1.88 -1.45 -14.51
CA PRO A 12 -2.02 -2.79 -15.09
C PRO A 12 -2.28 -3.84 -14.03
N PHE A 13 -3.05 -3.46 -13.04
CA PHE A 13 -3.43 -4.28 -11.92
C PHE A 13 -4.94 -4.46 -11.90
N ALA A 14 -5.41 -5.41 -11.09
CA ALA A 14 -6.82 -5.73 -11.06
C ALA A 14 -7.70 -4.55 -10.70
N VAL A 15 -7.17 -3.63 -9.89
CA VAL A 15 -7.90 -2.45 -9.43
CA VAL A 15 -7.91 -2.44 -9.43
C VAL A 15 -8.15 -1.45 -10.58
N GLU A 16 -7.39 -1.62 -11.68
CA GLU A 16 -7.61 -0.93 -12.95
C GLU A 16 -7.16 0.53 -12.96
N THR A 17 -7.48 1.27 -11.89
CA THR A 17 -7.16 2.70 -11.83
C THR A 17 -6.64 3.00 -10.44
N VAL A 18 -5.78 4.01 -10.37
CA VAL A 18 -5.36 4.62 -9.13
C VAL A 18 -5.82 6.08 -9.17
N ASN A 19 -6.24 6.59 -8.01
CA ASN A 19 -6.61 7.99 -7.90
C ASN A 19 -5.37 8.77 -7.48
N VAL A 20 -5.04 9.82 -8.25
CA VAL A 20 -4.00 10.74 -7.85
C VAL A 20 -4.67 12.10 -7.67
N PHE A 21 -4.13 12.94 -6.82
CA PHE A 21 -4.79 14.18 -6.46
C PHE A 21 -3.88 15.36 -6.73
N LEU A 22 -4.33 16.28 -7.56
CA LEU A 22 -3.58 17.49 -7.88
C LEU A 22 -4.15 18.64 -7.05
N VAL A 23 -3.29 19.27 -6.25
CA VAL A 23 -3.66 20.35 -5.40
C VAL A 23 -3.13 21.63 -5.99
N GLU A 24 -4.03 22.50 -6.43
CA GLU A 24 -3.64 23.81 -6.92
C GLU A 24 -3.66 24.78 -5.75
N GLY A 25 -2.48 25.07 -5.24
CA GLY A 25 -2.28 26.00 -4.15
C GLY A 25 -1.33 27.12 -4.62
N GLU A 26 -0.55 27.64 -3.67
CA GLU A 26 0.45 28.65 -4.00
C GLU A 26 1.43 28.03 -5.00
N THR A 27 1.68 26.72 -4.83
CA THR A 27 2.41 25.90 -5.80
C THR A 27 1.54 24.69 -6.10
N LEU A 28 1.96 23.91 -7.10
CA LEU A 28 1.20 22.76 -7.55
C LEU A 28 1.78 21.49 -6.95
N THR A 29 0.94 20.72 -6.22
CA THR A 29 1.35 19.47 -5.60
C THR A 29 0.57 18.32 -6.23
N LEU A 30 1.23 17.20 -6.48
CA LEU A 30 0.58 15.97 -6.87
C LEU A 30 0.72 14.96 -5.74
N ILE A 31 -0.38 14.29 -5.38
CA ILE A 31 -0.33 13.20 -4.42
C ILE A 31 -0.52 11.89 -5.18
N ASP A 32 0.53 11.07 -5.21
CA ASP A 32 0.58 9.78 -5.91
C ASP A 32 0.68 9.97 -7.42
N THR A 33 1.16 8.91 -8.15
CA THR A 33 1.57 9.14 -9.51
C THR A 33 0.98 8.21 -10.58
N GLY A 34 0.69 6.97 -10.22
CA GLY A 34 0.51 5.93 -11.21
C GLY A 34 1.74 5.05 -11.37
N THR A 35 1.56 3.88 -11.99
CA THR A 35 2.66 2.97 -12.26
C THR A 35 3.64 3.52 -13.29
N ASN A 36 4.83 2.93 -13.32
CA ASN A 36 5.83 3.25 -14.33
C ASN A 36 5.44 2.53 -15.62
N THR A 37 4.49 3.10 -16.33
CA THR A 37 4.05 2.60 -17.60
C THR A 37 3.84 3.76 -18.58
N LYS A 38 4.00 3.48 -19.88
CA LYS A 38 3.69 4.48 -20.90
C LYS A 38 2.22 4.89 -20.78
N GLU A 39 1.34 3.91 -20.54
CA GLU A 39 -0.09 4.19 -20.44
C GLU A 39 -0.40 5.13 -19.28
N SER A 40 0.20 4.89 -18.11
CA SER A 40 -0.01 5.76 -16.97
C SER A 40 0.49 7.17 -17.31
N ARG A 41 1.72 7.25 -17.85
CA ARG A 41 2.31 8.53 -18.13
C ARG A 41 1.47 9.34 -19.10
N LEU A 42 1.04 8.69 -20.19
CA LEU A 42 0.24 9.37 -21.21
C LEU A 42 -1.09 9.90 -20.59
N ALA A 43 -1.69 9.09 -19.72
CA ALA A 43 -2.95 9.50 -19.09
C ALA A 43 -2.71 10.71 -18.16
N LEU A 44 -1.62 10.65 -17.37
CA LEU A 44 -1.34 11.76 -16.47
C LEU A 44 -1.11 13.04 -17.28
N GLU A 45 -0.32 12.90 -18.34
CA GLU A 45 0.01 14.08 -19.14
C GLU A 45 -1.26 14.65 -19.77
N LYS A 46 -2.13 13.77 -20.27
CA LYS A 46 -3.35 14.25 -20.94
C LYS A 46 -4.26 14.96 -19.95
N GLN A 47 -4.42 14.38 -18.76
CA GLN A 47 -5.33 14.97 -17.77
C GLN A 47 -4.75 16.27 -17.21
N LEU A 48 -3.42 16.31 -17.02
CA LEU A 48 -2.81 17.56 -16.61
C LEU A 48 -3.01 18.64 -17.68
N ALA A 49 -2.83 18.26 -18.95
CA ALA A 49 -2.96 19.23 -20.04
C ALA A 49 -4.36 19.84 -20.07
N ALA A 50 -5.37 19.01 -19.81
CA ALA A 50 -6.71 19.53 -19.83
C ALA A 50 -6.93 20.57 -18.71
N LEU A 51 -6.12 20.45 -17.65
CA LEU A 51 -6.14 21.41 -16.54
C LEU A 51 -5.19 22.58 -16.79
N GLY A 52 -4.51 22.57 -17.93
CA GLY A 52 -3.61 23.63 -18.33
C GLY A 52 -2.19 23.50 -17.80
N TYR A 53 -1.81 22.28 -17.42
CA TYR A 53 -0.51 22.06 -16.81
C TYR A 53 0.31 21.03 -17.56
N LYS A 54 1.62 21.13 -17.40
CA LYS A 54 2.55 20.13 -17.86
C LYS A 54 3.16 19.48 -16.60
N VAL A 55 3.71 18.28 -16.77
CA VAL A 55 4.41 17.61 -15.69
C VAL A 55 5.41 18.55 -15.00
N GLU A 56 6.16 19.34 -15.78
CA GLU A 56 7.22 20.20 -15.25
C GLU A 56 6.65 21.29 -14.32
N ASP A 57 5.34 21.54 -14.35
CA ASP A 57 4.73 22.56 -13.49
C ASP A 57 4.56 22.05 -12.04
N ILE A 58 4.60 20.73 -11.84
CA ILE A 58 4.42 20.17 -10.51
C ILE A 58 5.69 20.44 -9.69
N GLU A 59 5.53 21.09 -8.55
CA GLU A 59 6.67 21.46 -7.72
C GLU A 59 6.87 20.53 -6.53
N THR A 60 5.82 19.80 -6.10
CA THR A 60 5.94 18.83 -5.03
C THR A 60 5.15 17.59 -5.42
N VAL A 61 5.73 16.43 -5.18
CA VAL A 61 5.02 15.15 -5.27
C VAL A 61 5.06 14.54 -3.87
N VAL A 62 3.90 14.14 -3.37
CA VAL A 62 3.77 13.43 -2.10
C VAL A 62 3.39 11.96 -2.39
N LEU A 63 4.04 11.02 -1.73
CA LEU A 63 3.70 9.63 -1.85
C LEU A 63 2.95 9.20 -0.60
N THR A 64 1.76 8.60 -0.76
CA THR A 64 1.12 7.97 0.36
C THR A 64 1.85 6.70 0.79
N HIS A 65 2.45 5.99 -0.16
CA HIS A 65 3.21 4.78 0.13
C HIS A 65 3.99 4.33 -1.10
N HIS A 66 4.80 3.25 -0.93
CA HIS A 66 5.79 2.86 -1.93
C HIS A 66 5.24 1.94 -3.02
N HIS A 67 3.96 1.52 -2.91
CA HIS A 67 3.44 0.62 -3.92
C HIS A 67 3.53 1.29 -5.30
N ALA A 68 3.82 0.49 -6.32
CA ALA A 68 4.16 0.99 -7.64
C ALA A 68 3.09 1.85 -8.30
N ASP A 69 1.81 1.56 -7.96
CA ASP A 69 0.74 2.39 -8.50
C ASP A 69 0.74 3.83 -7.95
N HIS A 70 1.46 4.06 -6.84
CA HIS A 70 1.50 5.36 -6.20
C HIS A 70 2.80 6.14 -6.45
N CYS A 71 3.91 5.44 -6.72
CA CYS A 71 5.20 6.09 -6.90
C CYS A 71 5.83 5.87 -8.28
N GLY A 72 5.20 5.04 -9.13
CA GLY A 72 5.94 4.53 -10.29
C GLY A 72 6.45 5.57 -11.29
N LEU A 73 5.79 6.72 -11.40
CA LEU A 73 6.22 7.73 -12.38
C LEU A 73 7.15 8.80 -11.78
N LEU A 74 7.69 8.55 -10.58
CA LEU A 74 8.52 9.56 -9.92
C LEU A 74 9.65 10.09 -10.79
N ASP A 75 10.19 9.26 -11.69
CA ASP A 75 11.34 9.67 -12.51
C ASP A 75 11.00 10.82 -13.46
N ILE A 76 9.71 11.00 -13.81
CA ILE A 76 9.36 11.95 -14.86
C ILE A 76 9.39 13.40 -14.38
N PHE A 77 9.33 13.61 -13.06
CA PHE A 77 9.18 14.96 -12.56
C PHE A 77 10.50 15.73 -12.69
N SER A 78 10.40 17.06 -12.70
CA SER A 78 11.54 17.93 -12.91
C SER A 78 12.54 17.74 -11.77
N GLU A 79 13.78 18.09 -12.05
CA GLU A 79 14.82 17.97 -11.05
C GLU A 79 14.61 18.94 -9.88
N ARG A 80 13.75 19.96 -10.02
CA ARG A 80 13.45 20.91 -8.94
CA ARG A 80 13.45 20.91 -8.94
C ARG A 80 12.36 20.42 -8.00
N THR A 81 11.70 19.32 -8.37
CA THR A 81 10.49 18.90 -7.71
C THR A 81 10.85 18.30 -6.35
N ASN A 82 10.15 18.70 -5.30
CA ASN A 82 10.29 18.08 -3.99
C ASN A 82 9.54 16.75 -4.02
N ILE A 83 10.16 15.70 -3.50
CA ILE A 83 9.56 14.38 -3.43
CA ILE A 83 9.56 14.38 -3.43
C ILE A 83 9.50 13.97 -1.95
N VAL A 84 8.26 13.86 -1.46
CA VAL A 84 8.03 13.85 -0.06
C VAL A 84 7.25 12.59 0.32
N GLY A 85 7.69 11.90 1.36
CA GLY A 85 6.96 10.74 1.83
C GLY A 85 7.56 10.19 3.13
N HIS A 86 6.98 9.11 3.63
CA HIS A 86 7.54 8.37 4.75
C HIS A 86 9.01 8.02 4.44
N PRO A 87 9.90 8.13 5.41
CA PRO A 87 11.31 7.85 5.16
C PRO A 87 11.60 6.47 4.61
N TRP A 88 10.77 5.48 5.01
CA TRP A 88 11.06 4.10 4.61
CA TRP A 88 11.09 4.10 4.61
C TRP A 88 10.78 3.84 3.13
N ASN A 89 10.16 4.83 2.45
CA ASN A 89 10.04 4.73 0.99
C ASN A 89 11.41 4.59 0.34
N GLU A 90 12.44 5.23 0.93
CA GLU A 90 13.72 5.42 0.22
C GLU A 90 14.30 4.15 -0.40
N PRO A 91 14.47 3.02 0.32
CA PRO A 91 15.06 1.83 -0.30
C PRO A 91 14.23 1.32 -1.47
N TRP A 92 12.89 1.38 -1.34
CA TRP A 92 11.99 0.89 -2.38
C TRP A 92 12.13 1.73 -3.64
N ILE A 93 11.97 3.05 -3.50
CA ILE A 93 11.87 3.95 -4.63
C ILE A 93 13.19 4.20 -5.32
N THR A 94 14.32 3.99 -4.60
CA THR A 94 15.63 4.12 -5.23
C THR A 94 16.11 2.79 -5.83
N GLN A 95 15.39 1.71 -5.53
CA GLN A 95 15.80 0.36 -5.90
C GLN A 95 17.25 0.12 -5.46
N ASN A 96 17.48 0.40 -4.18
CA ASN A 96 18.77 0.26 -3.53
C ASN A 96 19.27 -1.16 -3.78
N PRO A 97 20.46 -1.37 -4.38
CA PRO A 97 20.93 -2.73 -4.73
C PRO A 97 20.88 -3.73 -3.58
N GLN A 98 21.30 -3.28 -2.39
CA GLN A 98 21.32 -4.17 -1.24
C GLN A 98 19.88 -4.53 -0.88
N PHE A 99 18.94 -3.55 -0.90
CA PHE A 99 17.52 -3.81 -0.64
C PHE A 99 16.96 -4.83 -1.63
N ILE A 100 17.23 -4.64 -2.92
CA ILE A 100 16.74 -5.50 -3.99
C ILE A 100 17.24 -6.93 -3.79
N LYS A 101 18.51 -7.08 -3.41
CA LYS A 101 19.09 -8.39 -3.18
C LYS A 101 18.32 -9.04 -2.04
N ARG A 102 18.07 -8.26 -0.96
CA ARG A 102 17.31 -8.75 0.19
C ARG A 102 15.88 -9.13 -0.21
N TYR A 103 15.25 -8.26 -1.00
CA TYR A 103 13.88 -8.49 -1.47
C TYR A 103 13.79 -9.83 -2.23
N GLN A 104 14.72 -10.03 -3.18
CA GLN A 104 14.71 -11.23 -3.99
C GLN A 104 14.92 -12.47 -3.11
N GLN A 105 15.89 -12.41 -2.17
CA GLN A 105 16.13 -13.51 -1.25
C GLN A 105 14.89 -13.79 -0.38
N PHE A 106 14.22 -12.74 0.09
CA PHE A 106 13.04 -12.92 0.92
C PHE A 106 11.95 -13.66 0.14
N PHE A 107 11.68 -13.20 -1.07
CA PHE A 107 10.56 -13.80 -1.80
C PHE A 107 10.89 -15.23 -2.22
N LEU A 108 12.16 -15.52 -2.54
CA LEU A 108 12.53 -16.89 -2.85
C LEU A 108 12.28 -17.75 -1.62
N GLU A 109 12.78 -17.31 -0.47
CA GLU A 109 12.60 -18.05 0.77
C GLU A 109 11.14 -18.18 1.13
N ALA A 110 10.38 -17.08 1.01
CA ALA A 110 8.95 -17.11 1.33
C ALA A 110 8.20 -18.14 0.47
N SER A 111 8.49 -18.19 -0.84
CA SER A 111 7.83 -19.13 -1.74
C SER A 111 7.95 -20.55 -1.21
N VAL A 112 9.15 -20.92 -0.76
CA VAL A 112 9.43 -22.24 -0.25
C VAL A 112 8.70 -22.44 1.08
N GLN A 113 8.87 -21.50 2.03
CA GLN A 113 8.24 -21.52 3.35
C GLN A 113 6.72 -21.72 3.24
N PHE A 114 6.09 -21.01 2.30
CA PHE A 114 4.65 -21.05 2.16
C PHE A 114 4.18 -22.27 1.35
N GLY A 115 5.11 -23.00 0.73
CA GLY A 115 4.78 -24.13 -0.14
C GLY A 115 4.10 -23.77 -1.47
N VAL A 116 4.51 -22.65 -2.07
CA VAL A 116 3.98 -22.26 -3.35
C VAL A 116 4.62 -23.13 -4.43
N PRO A 117 3.79 -23.81 -5.26
CA PRO A 117 4.32 -24.63 -6.33
C PRO A 117 5.07 -23.72 -7.28
N GLU A 118 6.22 -24.18 -7.74
CA GLU A 118 7.10 -23.37 -8.54
C GLU A 118 6.37 -22.90 -9.81
N VAL A 119 5.42 -23.69 -10.36
CA VAL A 119 4.78 -23.33 -11.62
C VAL A 119 3.96 -22.05 -11.47
N LEU A 120 3.53 -21.71 -10.24
CA LEU A 120 2.66 -20.57 -10.05
C LEU A 120 3.50 -19.30 -9.84
N LEU A 121 4.79 -19.47 -9.52
CA LEU A 121 5.65 -18.37 -9.11
C LEU A 121 5.93 -17.45 -10.29
N PRO A 122 6.19 -16.14 -10.05
CA PRO A 122 6.48 -15.20 -11.12
C PRO A 122 7.43 -15.88 -12.12
N GLN A 123 8.41 -16.60 -11.57
CA GLN A 123 9.33 -17.42 -12.35
C GLN A 123 9.94 -16.54 -13.44
N GLY A 124 9.66 -16.85 -14.71
CA GLY A 124 9.95 -15.92 -15.78
C GLY A 124 9.04 -14.70 -15.68
N ALA A 125 7.77 -14.89 -16.05
CA ALA A 125 6.82 -13.78 -16.13
C ALA A 125 5.38 -14.28 -16.20
N LEU A 126 4.46 -13.29 -16.34
CA LEU A 126 3.13 -13.35 -15.78
C LEU A 126 2.25 -12.41 -16.57
N LEU A 127 2.61 -12.23 -17.85
CA LEU A 127 2.22 -11.03 -18.62
C LEU A 127 2.93 -9.85 -17.90
N THR A 128 3.70 -10.16 -16.76
CA THR A 128 4.43 -9.18 -15.88
C THR A 128 5.25 -9.83 -14.70
N LYS A 129 6.57 -9.46 -14.53
CA LYS A 129 7.53 -10.14 -13.67
C LYS A 129 7.37 -9.44 -12.30
N THR A 130 8.25 -8.48 -11.92
CA THR A 130 8.21 -7.84 -10.60
C THR A 130 9.09 -6.58 -10.51
N MET A 131 8.65 -5.53 -9.72
CA MET A 131 9.42 -4.32 -9.41
CA MET A 131 9.42 -4.31 -9.42
C MET A 131 9.56 -3.42 -10.65
N ILE A 132 9.19 -3.98 -11.76
CA ILE A 132 9.34 -3.32 -13.03
C ILE A 132 8.36 -2.18 -13.17
N TYR A 133 7.31 -2.09 -12.28
CA TYR A 133 6.36 -0.99 -12.42
C TYR A 133 6.69 0.16 -11.48
N SER A 134 7.86 0.08 -10.83
CA SER A 134 8.28 1.10 -9.89
C SER A 134 9.32 2.08 -10.51
N CYS A 135 9.64 3.12 -9.75
CA CYS A 135 10.54 4.18 -10.17
C CYS A 135 11.96 3.90 -9.70
N LYS A 136 12.87 4.83 -10.00
CA LYS A 136 14.24 4.80 -9.48
C LYS A 136 14.64 6.24 -9.16
N ARG A 137 14.16 6.73 -8.03
CA ARG A 137 14.31 8.13 -7.67
C ARG A 137 14.25 8.30 -6.16
N SER A 138 15.06 9.23 -5.62
CA SER A 138 15.09 9.46 -4.18
C SER A 138 14.00 10.44 -3.72
N LEU A 139 13.63 10.31 -2.45
CA LEU A 139 12.94 11.38 -1.75
C LEU A 139 13.84 12.60 -1.68
N THR A 140 13.25 13.79 -1.57
CA THR A 140 14.02 14.97 -1.17
C THR A 140 13.77 15.26 0.29
N HIS A 141 12.59 14.86 0.80
CA HIS A 141 12.16 15.16 2.16
C HIS A 141 11.37 13.99 2.75
N THR A 142 11.59 13.71 4.05
CA THR A 142 10.87 12.69 4.78
C THR A 142 9.85 13.36 5.69
N VAL A 143 8.74 12.66 5.92
CA VAL A 143 7.70 13.07 6.83
C VAL A 143 7.24 11.93 7.72
N ARG A 144 6.90 12.29 8.97
CA ARG A 144 6.33 11.37 9.93
CA ARG A 144 6.33 11.39 9.94
C ARG A 144 5.12 12.04 10.61
N GLU A 145 4.52 11.32 11.57
CA GLU A 145 3.33 11.74 12.25
C GLU A 145 3.45 13.19 12.73
N GLY A 146 2.45 13.98 12.37
CA GLY A 146 2.32 15.35 12.83
C GLY A 146 3.03 16.40 11.97
N ASP A 147 3.79 15.92 10.97
CA ASP A 147 4.55 16.83 10.11
C ASP A 147 3.65 17.58 9.15
N ARG A 148 4.18 18.72 8.66
CA ARG A 148 3.49 19.54 7.67
C ARG A 148 4.33 19.49 6.40
N ILE A 149 3.71 19.46 5.24
CA ILE A 149 4.37 19.59 3.96
C ILE A 149 4.17 21.03 3.51
N ALA A 150 5.28 21.68 3.12
CA ALA A 150 5.27 23.11 2.86
C ALA A 150 4.20 23.52 1.84
N SER A 151 4.02 22.70 0.81
CA SER A 151 3.11 23.03 -0.29
C SER A 151 1.65 22.75 0.08
N LEU A 152 1.40 22.09 1.22
CA LEU A 152 0.06 21.70 1.66
C LEU A 152 -0.19 22.19 3.09
N PRO A 153 -0.20 23.51 3.33
CA PRO A 153 -0.25 24.00 4.69
C PRO A 153 -1.44 23.61 5.58
N GLU A 154 -2.57 23.25 4.97
CA GLU A 154 -3.76 22.97 5.78
C GLU A 154 -3.79 21.53 6.23
N PHE A 155 -2.82 20.73 5.75
CA PHE A 155 -2.83 19.30 6.03
C PHE A 155 -1.78 18.90 7.05
N THR A 156 -2.07 17.83 7.77
CA THR A 156 -1.14 17.19 8.69
CA THR A 156 -1.10 17.20 8.65
C THR A 156 -0.88 15.75 8.22
N VAL A 157 0.38 15.34 8.29
CA VAL A 157 0.75 13.97 7.98
C VAL A 157 0.35 13.06 9.15
N ILE A 158 -0.38 11.98 8.82
CA ILE A 158 -0.79 10.91 9.72
CA ILE A 158 -0.79 10.91 9.72
CA ILE A 158 -0.70 10.93 9.78
C ILE A 158 -0.11 9.61 9.30
N GLU A 159 0.62 8.98 10.22
CA GLU A 159 1.12 7.66 9.88
C GLU A 159 -0.04 6.66 9.95
N THR A 160 -0.23 5.90 8.85
CA THR A 160 -1.33 4.97 8.70
C THR A 160 -0.82 3.61 8.27
N PRO A 161 0.12 3.00 9.04
CA PRO A 161 0.68 1.72 8.67
C PRO A 161 -0.32 0.58 8.68
N GLY A 162 0.04 -0.50 8.00
CA GLY A 162 -0.79 -1.67 7.91
C GLY A 162 -0.84 -2.17 6.46
N HIS A 163 -1.47 -1.37 5.61
CA HIS A 163 -1.49 -1.66 4.20
C HIS A 163 -0.07 -1.77 3.67
N ALA A 164 0.79 -0.87 4.11
CA ALA A 164 2.22 -0.88 3.82
C ALA A 164 2.94 -0.20 4.98
N SER A 165 4.22 -0.52 5.15
CA SER A 165 5.04 0.05 6.21
C SER A 165 5.25 1.54 5.99
N THR A 166 5.20 1.95 4.75
CA THR A 166 5.49 3.33 4.34
C THR A 166 4.23 4.17 4.29
N HIS A 167 3.11 3.65 4.79
CA HIS A 167 1.83 4.30 4.50
C HIS A 167 1.57 5.52 5.39
N ILE A 168 1.17 6.60 4.73
CA ILE A 168 0.78 7.85 5.40
C ILE A 168 -0.53 8.32 4.75
N SER A 169 -1.27 9.14 5.48
CA SER A 169 -2.47 9.80 4.98
C SER A 169 -2.32 11.28 5.34
N LEU A 170 -3.10 12.16 4.69
CA LEU A 170 -3.02 13.58 4.91
C LEU A 170 -4.37 14.07 5.41
N TYR A 171 -4.37 14.67 6.63
CA TYR A 171 -5.61 15.10 7.26
C TYR A 171 -5.72 16.62 7.26
N ARG A 172 -6.88 17.14 6.90
CA ARG A 172 -7.16 18.56 6.92
C ARG A 172 -8.16 18.84 8.03
N GLU A 173 -7.67 19.36 9.16
CA GLU A 173 -8.48 19.59 10.35
C GLU A 173 -9.64 20.54 10.07
N ARG A 174 -9.46 21.51 9.15
CA ARG A 174 -10.48 22.53 8.92
C ARG A 174 -11.84 21.89 8.61
N ASP A 175 -11.88 20.95 7.66
CA ASP A 175 -13.12 20.34 7.21
C ASP A 175 -13.15 18.80 7.32
N GLY A 176 -12.11 18.19 7.89
CA GLY A 176 -12.09 16.76 8.19
C GLY A 176 -11.81 15.89 6.98
N VAL A 177 -11.27 16.49 5.90
CA VAL A 177 -10.97 15.72 4.69
C VAL A 177 -9.67 14.96 4.92
N LEU A 178 -9.64 13.70 4.54
CA LEU A 178 -8.45 12.86 4.58
C LEU A 178 -8.08 12.44 3.16
N ILE A 179 -6.85 12.71 2.74
CA ILE A 179 -6.33 12.09 1.54
C ILE A 179 -5.74 10.79 2.04
N GLY A 180 -6.47 9.67 1.84
CA GLY A 180 -6.24 8.47 2.65
C GLY A 180 -5.19 7.52 2.13
N GLY A 181 -4.84 7.62 0.83
CA GLY A 181 -4.08 6.52 0.26
C GLY A 181 -4.92 5.25 0.22
N ASP A 182 -4.25 4.12 0.50
CA ASP A 182 -4.89 2.82 0.48
C ASP A 182 -5.26 2.30 1.87
N ALA A 183 -5.27 3.17 2.88
CA ALA A 183 -5.57 2.73 4.23
C ALA A 183 -7.01 2.25 4.36
N LEU A 184 -7.92 2.89 3.64
CA LEU A 184 -9.34 2.56 3.69
C LEU A 184 -9.91 2.78 2.29
N ILE A 185 -10.25 1.68 1.64
CA ILE A 185 -10.82 1.69 0.31
C ILE A 185 -12.27 1.19 0.41
N GLY A 186 -13.17 1.92 -0.23
CA GLY A 186 -14.61 1.70 -0.10
C GLY A 186 -15.12 0.34 -0.57
N HIS A 187 -14.55 -0.19 -1.65
CA HIS A 187 -15.12 -1.32 -2.36
C HIS A 187 -14.40 -2.62 -2.04
N ILE A 188 -13.16 -2.52 -1.55
CA ILE A 188 -12.33 -3.70 -1.31
C ILE A 188 -11.45 -3.49 -0.09
N SER A 189 -11.16 -4.59 0.61
CA SER A 189 -10.27 -4.52 1.75
C SER A 189 -8.87 -4.20 1.22
N SER A 190 -8.06 -3.55 2.05
CA SER A 190 -6.73 -3.07 1.70
C SER A 190 -5.73 -3.69 2.66
N ASN A 191 -5.91 -5.00 2.95
CA ASN A 191 -5.22 -5.66 4.04
C ASN A 191 -3.72 -5.62 3.80
N PRO A 192 -2.87 -5.86 4.82
CA PRO A 192 -1.43 -5.81 4.67
C PRO A 192 -0.91 -6.61 3.49
N ILE A 193 -0.09 -5.93 2.66
CA ILE A 193 0.69 -6.51 1.59
C ILE A 193 2.06 -6.90 2.14
N LEU A 194 2.38 -8.21 2.08
CA LEU A 194 3.62 -8.75 2.61
C LEU A 194 4.87 -8.01 2.14
N GLU A 195 5.79 -7.75 3.06
CA GLU A 195 7.06 -7.10 2.77
C GLU A 195 8.22 -7.84 3.38
N PRO A 196 9.43 -7.69 2.81
CA PRO A 196 10.63 -8.20 3.47
C PRO A 196 10.92 -7.38 4.73
N PRO A 197 11.62 -7.97 5.72
CA PRO A 197 12.14 -7.21 6.84
C PRO A 197 13.14 -6.22 6.27
N TYR A 198 13.16 -5.01 6.85
CA TYR A 198 14.18 -4.05 6.49
C TYR A 198 15.49 -4.48 7.13
N GLU A 199 16.60 -4.00 6.59
CA GLU A 199 17.89 -4.22 7.23
C GLU A 199 17.84 -3.56 8.59
N GLY A 200 18.26 -4.29 9.63
CA GLY A 200 18.24 -3.71 10.94
C GLY A 200 16.96 -3.94 11.71
N GLU A 201 15.90 -4.33 11.00
CA GLU A 201 14.62 -4.52 11.65
C GLU A 201 14.67 -5.82 12.44
N ILE A 202 14.48 -5.70 13.73
CA ILE A 202 14.50 -6.84 14.61
C ILE A 202 13.08 -7.33 14.55
N GLU A 203 12.18 -6.32 14.57
CA GLU A 203 10.76 -6.59 14.50
C GLU A 203 9.98 -5.38 14.03
N ARG A 204 8.78 -5.71 13.60
CA ARG A 204 7.77 -4.76 13.17
C ARG A 204 6.50 -5.05 13.96
N ALA A 205 5.49 -4.19 13.84
CA ALA A 205 4.23 -4.51 14.45
C ALA A 205 3.66 -5.69 13.68
N GLN A 206 2.94 -6.53 14.42
CA GLN A 206 2.08 -7.52 13.78
C GLN A 206 1.26 -6.78 12.72
N PRO A 207 1.44 -7.03 11.41
CA PRO A 207 0.81 -6.21 10.39
C PRO A 207 -0.70 -6.07 10.39
N MET A 208 -1.42 -7.20 10.52
CA MET A 208 -2.87 -7.14 10.60
C MET A 208 -3.31 -6.33 11.84
N LEU A 209 -2.67 -6.53 13.01
CA LEU A 209 -3.07 -5.79 14.20
C LEU A 209 -2.79 -4.30 13.95
N GLN A 210 -1.67 -3.98 13.30
CA GLN A 210 -1.35 -2.58 12.95
C GLN A 210 -2.40 -1.99 12.01
N TYR A 211 -2.78 -2.74 10.97
CA TYR A 211 -3.81 -2.30 10.05
C TYR A 211 -5.08 -2.01 10.84
N ASN A 212 -5.49 -2.93 11.72
CA ASN A 212 -6.70 -2.76 12.52
C ASN A 212 -6.59 -1.53 13.43
N GLU A 213 -5.40 -1.30 14.01
CA GLU A 213 -5.21 -0.14 14.86
C GLU A 213 -5.30 1.14 14.05
N THR A 214 -4.77 1.11 12.84
CA THR A 214 -4.88 2.27 11.96
C THR A 214 -6.35 2.53 11.65
N LEU A 215 -7.12 1.45 11.34
CA LEU A 215 -8.56 1.60 11.10
C LEU A 215 -9.28 2.24 12.29
N LYS A 216 -9.02 1.74 13.48
CA LYS A 216 -9.66 2.25 14.68
C LYS A 216 -9.30 3.73 14.93
N ARG A 217 -8.04 4.08 14.65
CA ARG A 217 -7.63 5.45 14.79
C ARG A 217 -8.41 6.35 13.84
N LEU A 218 -8.56 5.92 12.58
CA LEU A 218 -9.28 6.70 11.58
C LEU A 218 -10.73 6.86 11.99
N ALA A 219 -11.29 5.81 12.58
CA ALA A 219 -12.70 5.82 13.01
C ALA A 219 -12.95 6.82 14.14
N ARG A 220 -11.91 7.06 14.94
CA ARG A 220 -11.96 7.98 16.06
C ARG A 220 -11.71 9.44 15.65
N MET A 221 -11.15 9.62 14.45
CA MET A 221 -10.83 10.94 13.95
CA MET A 221 -10.82 10.93 13.92
C MET A 221 -12.13 11.57 13.45
N ASN A 222 -12.14 12.86 13.32
CA ASN A 222 -13.33 13.50 12.83
C ASN A 222 -13.19 13.60 11.32
N ILE A 223 -13.44 12.51 10.58
CA ILE A 223 -13.23 12.55 9.14
C ILE A 223 -14.56 12.69 8.41
N SER A 224 -14.67 13.74 7.61
CA SER A 224 -15.84 14.00 6.77
C SER A 224 -15.86 13.16 5.50
N ARG A 225 -14.71 12.98 4.87
CA ARG A 225 -14.61 12.38 3.56
C ARG A 225 -13.19 11.86 3.42
N VAL A 226 -13.04 10.59 3.00
CA VAL A 226 -11.74 10.07 2.61
C VAL A 226 -11.65 10.10 1.10
N LEU A 227 -10.64 10.78 0.56
CA LEU A 227 -10.26 10.70 -0.84
C LEU A 227 -9.30 9.52 -0.98
N SER A 228 -9.78 8.41 -1.52
CA SER A 228 -9.05 7.16 -1.45
C SER A 228 -8.12 6.98 -2.64
N GLY A 229 -7.13 6.11 -2.46
CA GLY A 229 -6.21 5.79 -3.53
C GLY A 229 -6.87 5.04 -4.67
N HIS A 230 -8.01 4.36 -4.37
CA HIS A 230 -8.73 3.62 -5.37
C HIS A 230 -10.23 3.73 -5.12
N GLY A 231 -10.99 3.90 -6.20
CA GLY A 231 -12.43 3.88 -6.05
C GLY A 231 -13.05 5.18 -5.52
N GLU A 232 -14.29 5.06 -5.02
CA GLU A 232 -15.03 6.25 -4.68
C GLU A 232 -14.67 6.72 -3.27
N ASP A 233 -15.02 7.97 -2.98
CA ASP A 233 -14.75 8.53 -1.67
C ASP A 233 -15.46 7.67 -0.62
N VAL A 234 -14.92 7.67 0.62
CA VAL A 234 -15.53 7.08 1.79
C VAL A 234 -16.13 8.19 2.66
N LEU A 235 -17.45 8.19 2.80
CA LEU A 235 -18.13 9.21 3.62
C LEU A 235 -18.46 8.68 5.01
N ASP A 236 -18.54 7.36 5.20
CA ASP A 236 -18.86 6.80 6.51
C ASP A 236 -17.73 5.90 6.98
N VAL A 237 -16.69 6.52 7.57
CA VAL A 237 -15.50 5.81 7.97
C VAL A 237 -15.82 4.84 9.11
N VAL A 238 -16.59 5.30 10.10
CA VAL A 238 -16.92 4.45 11.24
C VAL A 238 -17.61 3.17 10.75
N GLY A 239 -18.61 3.34 9.88
CA GLY A 239 -19.35 2.21 9.32
C GLY A 239 -18.46 1.23 8.57
N LEU A 240 -17.56 1.78 7.73
CA LEU A 240 -16.71 0.97 6.89
C LEU A 240 -15.71 0.22 7.77
N VAL A 241 -15.15 0.91 8.74
CA VAL A 241 -14.19 0.28 9.64
C VAL A 241 -14.86 -0.88 10.38
N ASN A 242 -16.04 -0.64 10.95
CA ASN A 242 -16.74 -1.68 11.69
C ASN A 242 -16.94 -2.92 10.82
N GLU A 243 -17.37 -2.68 9.57
CA GLU A 243 -17.62 -3.77 8.62
C GLU A 243 -16.33 -4.56 8.33
N ARG A 244 -15.24 -3.81 8.13
CA ARG A 244 -13.98 -4.44 7.78
C ARG A 244 -13.42 -5.26 8.95
N LEU A 245 -13.51 -4.71 10.16
CA LEU A 245 -13.06 -5.42 11.36
C LEU A 245 -13.90 -6.69 11.54
N GLN A 246 -15.21 -6.60 11.30
CA GLN A 246 -16.09 -7.79 11.42
C GLN A 246 -15.67 -8.86 10.42
N LYS A 247 -15.39 -8.44 9.18
CA LYS A 247 -15.03 -9.36 8.11
C LYS A 247 -13.69 -10.03 8.43
N GLN A 248 -12.75 -9.25 8.97
CA GLN A 248 -11.43 -9.77 9.30
C GLN A 248 -11.55 -10.84 10.37
N GLU A 249 -12.38 -10.59 11.37
CA GLU A 249 -12.59 -11.55 12.44
C GLU A 249 -13.18 -12.84 11.90
N ALA A 250 -14.20 -12.73 11.03
CA ALA A 250 -14.80 -13.91 10.43
C ALA A 250 -13.77 -14.71 9.66
N ARG A 251 -12.92 -14.02 8.88
CA ARG A 251 -11.95 -14.72 8.07
C ARG A 251 -10.94 -15.45 8.94
N ALA A 252 -10.54 -14.82 10.04
CA ALA A 252 -9.58 -15.41 10.93
C ALA A 252 -10.18 -16.70 11.46
N PHE A 253 -11.45 -16.65 11.89
CA PHE A 253 -12.13 -17.84 12.38
C PHE A 253 -12.21 -18.90 11.28
N LYS A 254 -12.47 -18.49 10.04
CA LYS A 254 -12.57 -19.45 8.95
C LYS A 254 -11.25 -20.18 8.81
N VAL A 255 -10.14 -19.44 8.80
CA VAL A 255 -8.82 -20.02 8.73
C VAL A 255 -8.60 -20.97 9.90
N LEU A 256 -8.94 -20.52 11.12
CA LEU A 256 -8.72 -21.36 12.29
C LEU A 256 -9.47 -22.69 12.12
N ASN A 257 -10.73 -22.63 11.65
CA ASN A 257 -11.57 -23.82 11.48
C ASN A 257 -11.06 -24.69 10.33
N LEU A 258 -10.47 -24.09 9.29
CA LEU A 258 -9.92 -24.87 8.19
C LEU A 258 -8.80 -25.76 8.70
N LEU A 259 -7.92 -25.15 9.50
CA LEU A 259 -6.75 -25.80 10.06
C LEU A 259 -7.11 -26.92 11.04
N LYS A 260 -8.13 -26.69 11.87
CA LYS A 260 -8.64 -27.74 12.74
C LYS A 260 -8.96 -28.99 11.93
N ALA A 261 -9.58 -28.84 10.74
CA ALA A 261 -9.95 -30.00 9.93
C ALA A 261 -8.69 -30.62 9.31
N GLN A 262 -7.86 -29.83 8.64
CA GLN A 262 -6.66 -30.36 8.01
C GLN A 262 -5.49 -29.42 8.26
N PRO A 263 -4.37 -29.82 8.93
CA PRO A 263 -3.20 -28.93 9.02
C PRO A 263 -2.64 -28.68 7.61
N MET A 264 -2.19 -27.45 7.33
CA MET A 264 -1.91 -27.07 5.96
C MET A 264 -0.74 -26.11 5.85
N THR A 265 -0.15 -26.06 4.65
CA THR A 265 0.77 -24.97 4.34
C THR A 265 -0.03 -23.68 4.12
N ALA A 266 0.68 -22.54 4.05
CA ALA A 266 0.04 -21.28 3.73
C ALA A 266 -0.63 -21.36 2.36
N PHE A 267 0.07 -21.98 1.39
CA PHE A 267 -0.46 -22.05 0.03
C PHE A 267 -1.76 -22.85 0.05
N GLU A 268 -1.76 -23.95 0.81
CA GLU A 268 -2.95 -24.78 0.89
C GLU A 268 -4.15 -24.05 1.48
N VAL A 269 -3.91 -23.23 2.50
CA VAL A 269 -4.96 -22.42 3.09
C VAL A 269 -5.44 -21.44 2.04
N CYS A 270 -4.48 -20.83 1.33
CA CYS A 270 -4.75 -19.84 0.29
C CYS A 270 -5.74 -20.41 -0.74
N VAL A 271 -5.48 -21.65 -1.18
CA VAL A 271 -6.32 -22.30 -2.18
C VAL A 271 -7.72 -22.55 -1.63
N LYS A 272 -7.83 -22.87 -0.32
CA LYS A 272 -9.13 -23.04 0.31
C LYS A 272 -9.86 -21.71 0.42
N LEU A 273 -9.13 -20.64 0.82
CA LEU A 273 -9.76 -19.34 1.06
C LEU A 273 -10.15 -18.69 -0.26
N PHE A 274 -9.27 -18.82 -1.26
CA PHE A 274 -9.45 -18.17 -2.54
C PHE A 274 -9.44 -19.20 -3.66
N PRO A 275 -10.52 -20.01 -3.81
CA PRO A 275 -10.49 -21.13 -4.77
C PRO A 275 -10.43 -20.70 -6.23
N THR A 276 -10.78 -19.43 -6.50
CA THR A 276 -10.86 -18.89 -7.84
C THR A 276 -9.69 -17.92 -8.08
N LEU A 277 -9.36 -17.08 -7.10
CA LEU A 277 -8.43 -15.98 -7.29
C LEU A 277 -6.97 -16.42 -7.20
N TYR A 278 -6.67 -17.59 -6.62
CA TYR A 278 -5.28 -17.94 -6.31
C TYR A 278 -4.41 -18.06 -7.55
N GLU A 279 -4.99 -18.39 -8.71
CA GLU A 279 -4.22 -18.49 -9.95
C GLU A 279 -3.99 -17.11 -10.56
N LYS A 280 -5.05 -16.28 -10.59
CA LYS A 280 -5.01 -14.96 -11.20
C LYS A 280 -4.22 -13.94 -10.36
N GLN A 281 -4.42 -13.98 -9.03
CA GLN A 281 -3.81 -13.06 -8.07
C GLN A 281 -3.28 -13.83 -6.86
N LEU A 282 -2.47 -13.16 -6.01
CA LEU A 282 -1.81 -13.80 -4.89
C LEU A 282 -1.72 -12.80 -3.74
N PRO A 283 -2.70 -12.88 -2.80
CA PRO A 283 -2.62 -12.28 -1.45
C PRO A 283 -2.89 -13.10 -0.18
N LEU A 284 -2.64 -12.26 0.88
CA LEU A 284 -3.20 -12.34 2.20
C LEU A 284 -2.84 -13.76 2.60
N THR A 285 -3.77 -14.36 3.32
CA THR A 285 -3.63 -15.69 3.88
C THR A 285 -2.55 -15.71 4.96
N ILE A 286 -1.30 -15.35 4.58
CA ILE A 286 -0.18 -15.29 5.50
C ILE A 286 -0.48 -14.22 6.55
N SER A 287 -1.05 -13.07 6.13
CA SER A 287 -1.43 -12.07 7.12
C SER A 287 -2.33 -12.65 8.21
N GLU A 288 -3.34 -13.45 7.79
CA GLU A 288 -4.28 -14.05 8.74
C GLU A 288 -3.59 -15.10 9.60
N ASN A 289 -2.76 -15.95 8.97
CA ASN A 289 -2.03 -16.97 9.70
C ASN A 289 -1.11 -16.33 10.74
N VAL A 290 -0.42 -15.24 10.34
CA VAL A 290 0.54 -14.59 11.20
C VAL A 290 -0.16 -13.89 12.38
N GLY A 291 -1.35 -13.35 12.12
CA GLY A 291 -2.23 -12.73 13.10
C GLY A 291 -2.65 -13.75 14.16
N GLN A 292 -3.03 -14.94 13.70
CA GLN A 292 -3.42 -16.05 14.57
C GLN A 292 -2.22 -16.65 15.31
N LEU A 293 -1.03 -16.69 14.68
CA LEU A 293 0.16 -17.21 15.34
C LEU A 293 0.59 -16.27 16.46
N ASP A 294 0.66 -14.94 16.20
CA ASP A 294 0.59 -13.95 17.26
C ASP A 294 -0.70 -14.33 18.00
N PHE A 295 -1.08 -13.68 19.09
CA PHE A 295 -2.39 -14.00 19.65
C PHE A 295 -2.49 -15.49 20.01
N LEU A 296 -1.41 -16.27 19.79
CA LEU A 296 -1.26 -17.63 20.30
C LEU A 296 -2.46 -18.53 20.02
N ALA A 297 -3.05 -18.42 18.81
CA ALA A 297 -4.24 -19.19 18.42
C ALA A 297 -3.89 -20.37 17.51
N TYR A 298 -2.70 -20.31 16.89
CA TYR A 298 -2.31 -21.35 15.96
C TYR A 298 -0.80 -21.55 16.08
N ASN A 299 -0.35 -22.79 15.87
CA ASN A 299 1.06 -23.14 15.98
C ASN A 299 1.59 -23.44 14.57
N GLN A 300 2.88 -23.20 14.36
CA GLN A 300 3.54 -23.58 13.12
C GLN A 300 4.43 -24.79 13.38
N GLN A 301 4.16 -25.87 12.63
CA GLN A 301 5.04 -27.03 12.55
C GLN A 301 6.17 -26.66 11.58
N VAL A 302 7.13 -25.90 12.11
CA VAL A 302 8.35 -25.60 11.38
C VAL A 302 9.24 -26.84 11.47
N MET A 303 10.06 -27.07 10.45
CA MET A 303 10.87 -28.28 10.39
C MET A 303 11.24 -28.62 8.96
N ILE A 304 10.23 -28.79 8.11
CA ILE A 304 10.42 -29.32 6.76
C ILE A 304 11.19 -28.28 5.94
N ASP A 305 10.58 -27.10 5.87
CA ASP A 305 10.95 -26.00 4.99
C ASP A 305 9.64 -25.35 4.55
N LYS A 306 8.74 -26.22 4.08
CA LYS A 306 7.34 -25.87 3.96
C LYS A 306 6.73 -25.94 5.36
N SER A 307 6.49 -24.75 5.95
CA SER A 307 5.89 -24.66 7.27
C SER A 307 4.49 -25.27 7.23
N SER A 308 4.11 -25.95 8.32
CA SER A 308 2.78 -26.52 8.45
CA SER A 308 2.78 -26.51 8.45
C SER A 308 2.06 -25.83 9.62
N LYS A 309 0.87 -25.30 9.34
CA LYS A 309 0.11 -24.61 10.38
CA LYS A 309 0.10 -24.61 10.37
C LYS A 309 -0.86 -25.60 11.05
#